data_2B2J
#
_entry.id   2B2J
#
_cell.length_a   111.460
_cell.length_b   111.460
_cell.length_c   135.578
_cell.angle_alpha   90.00
_cell.angle_beta   90.00
_cell.angle_gamma   120.00
#
_symmetry.space_group_name_H-M   'H 3'
#
loop_
_entity.id
_entity.type
_entity.pdbx_description
1 polymer 'ammonium transporter'
2 non-polymer XENON
3 water water
#
_entity_poly.entity_id   1
_entity_poly.type   'polypeptide(L)'
_entity_poly.pdbx_seq_one_letter_code
;MSDGNVAWILASTALVMLMVPGVGFFYAGMVRRKNAVNMIALSFISLIITVLLWIFYGYSVSFGNDISGIIGGLNYALLS
GVKGEDLLFMMYQMMFAAVTIAILTSAIAERAKVSSFILLSALWLTFVYAPFAHWLWGGGWLAKLGALDFAGGMVVHISS
GFAALAVAMTIGKRAGFEEYSIEPHSIPLTLIGAALLWFGWFGFNGGSALAANDVAINAVVVTNTSAAVAGFVWMVIGWI
KGKPGSLGIVSGAIAGLAAITPAAGFVDVKGAIVIGLVAGIVCYLAMDFRIKKKIDESLDAWAIHGIGGLWGSVAVGILA
NPEVNGYAGLLFGNPQLLVSQLIAVASTTAYAFLVTLILAKAVDAAVGLRVSSQEEYVGLDLSQHEEVAYTLEHHHHHH
;
_entity_poly.pdbx_strand_id   A
#
loop_
_chem_comp.id
_chem_comp.type
_chem_comp.name
_chem_comp.formula
XE non-polymer XENON Xe
#
# COMPACT_ATOMS: atom_id res chain seq x y z
N MET A 1 -13.42 -7.72 -24.26
CA MET A 1 -12.23 -8.07 -25.10
C MET A 1 -11.37 -6.85 -25.40
N SER A 2 -11.18 -6.56 -26.68
CA SER A 2 -10.37 -5.46 -27.17
C SER A 2 -8.90 -5.82 -26.97
N ASP A 3 -8.23 -6.20 -28.05
CA ASP A 3 -6.84 -6.59 -27.96
C ASP A 3 -5.97 -5.53 -27.29
N GLY A 4 -6.19 -4.28 -27.62
CA GLY A 4 -5.40 -3.23 -26.99
C GLY A 4 -5.65 -3.20 -25.50
N ASN A 5 -6.89 -3.42 -25.10
CA ASN A 5 -7.23 -3.40 -23.69
C ASN A 5 -6.63 -4.56 -22.94
N VAL A 6 -6.58 -5.73 -23.56
CA VAL A 6 -5.98 -6.87 -22.90
C VAL A 6 -4.45 -6.67 -22.88
N ALA A 7 -3.93 -6.12 -23.97
CA ALA A 7 -2.50 -5.87 -24.07
C ALA A 7 -2.08 -5.00 -22.90
N TRP A 8 -2.75 -3.87 -22.77
CA TRP A 8 -2.43 -2.93 -21.72
C TRP A 8 -2.55 -3.51 -20.32
N ILE A 9 -3.61 -4.26 -20.05
CA ILE A 9 -3.79 -4.80 -18.72
C ILE A 9 -2.82 -5.96 -18.49
N LEU A 10 -2.43 -6.63 -19.57
CA LEU A 10 -1.48 -7.72 -19.43
C LEU A 10 -0.21 -7.04 -18.93
N ALA A 11 0.14 -5.94 -19.58
CA ALA A 11 1.32 -5.19 -19.20
C ALA A 11 1.19 -4.65 -17.78
N SER A 12 0.06 -4.01 -17.49
CA SER A 12 -0.16 -3.44 -16.17
C SER A 12 -0.03 -4.49 -15.08
N THR A 13 -0.47 -5.71 -15.36
CA THR A 13 -0.34 -6.77 -14.36
C THR A 13 1.14 -7.07 -14.10
N ALA A 14 1.93 -7.16 -15.16
CA ALA A 14 3.35 -7.43 -15.01
C ALA A 14 3.98 -6.30 -14.21
N LEU A 15 3.55 -5.08 -14.51
CA LEU A 15 4.08 -3.91 -13.82
C LEU A 15 3.78 -3.87 -12.33
N VAL A 16 2.58 -4.29 -11.94
CA VAL A 16 2.25 -4.25 -10.52
C VAL A 16 3.00 -5.34 -9.76
N MET A 17 3.21 -6.47 -10.44
CA MET A 17 3.93 -7.60 -9.86
C MET A 17 5.33 -7.15 -9.49
N LEU A 18 5.93 -6.40 -10.40
CA LEU A 18 7.28 -5.90 -10.20
C LEU A 18 7.37 -5.06 -8.95
N MET A 19 6.28 -4.39 -8.60
CA MET A 19 6.26 -3.55 -7.43
C MET A 19 6.46 -4.32 -6.12
N VAL A 20 6.12 -5.61 -6.09
CA VAL A 20 6.28 -6.37 -4.85
C VAL A 20 7.76 -6.47 -4.46
N PRO A 21 8.60 -7.06 -5.33
CA PRO A 21 10.01 -7.12 -4.93
C PRO A 21 10.53 -5.68 -4.90
N GLY A 22 9.91 -4.81 -5.69
CA GLY A 22 10.30 -3.42 -5.70
C GLY A 22 10.20 -2.86 -4.30
N VAL A 23 9.19 -3.30 -3.54
CA VAL A 23 9.04 -2.84 -2.16
C VAL A 23 10.16 -3.41 -1.32
N GLY A 24 10.46 -4.69 -1.54
CA GLY A 24 11.53 -5.36 -0.80
C GLY A 24 12.86 -4.65 -0.87
N PHE A 25 13.24 -4.16 -2.06
CA PHE A 25 14.49 -3.44 -2.27
C PHE A 25 14.40 -2.07 -1.65
N PHE A 26 13.28 -1.41 -1.88
CA PHE A 26 13.06 -0.10 -1.34
C PHE A 26 13.28 -0.18 0.16
N TYR A 27 12.67 -1.17 0.81
CA TYR A 27 12.86 -1.31 2.26
C TYR A 27 14.22 -1.84 2.67
N ALA A 28 14.69 -2.88 1.97
CA ALA A 28 15.97 -3.49 2.31
C ALA A 28 17.12 -2.51 2.46
N GLY A 29 17.19 -1.54 1.56
CA GLY A 29 18.25 -0.56 1.63
C GLY A 29 18.21 0.28 2.89
N MET A 30 17.05 0.37 3.52
CA MET A 30 16.91 1.19 4.72
C MET A 30 17.24 0.47 6.01
N VAL A 31 17.34 -0.85 5.96
CA VAL A 31 17.67 -1.63 7.16
C VAL A 31 19.15 -1.99 7.15
N ARG A 32 19.63 -2.48 8.29
CA ARG A 32 21.03 -2.86 8.41
C ARG A 32 21.42 -4.04 7.54
N ARG A 33 22.69 -4.10 7.18
CA ARG A 33 23.21 -5.14 6.33
C ARG A 33 22.86 -6.54 6.80
N LYS A 34 22.71 -6.71 8.11
CA LYS A 34 22.41 -8.03 8.67
C LYS A 34 20.97 -8.49 8.49
N ASN A 35 20.13 -7.59 7.95
CA ASN A 35 18.72 -7.89 7.73
C ASN A 35 18.29 -7.65 6.29
N ALA A 36 19.27 -7.35 5.44
CA ALA A 36 18.98 -7.06 4.04
C ALA A 36 18.22 -8.18 3.36
N VAL A 37 18.73 -9.40 3.43
CA VAL A 37 18.06 -10.52 2.79
C VAL A 37 16.66 -10.69 3.32
N ASN A 38 16.52 -10.58 4.63
CA ASN A 38 15.22 -10.75 5.24
C ASN A 38 14.19 -9.75 4.72
N MET A 39 14.58 -8.49 4.64
CA MET A 39 13.68 -7.44 4.18
C MET A 39 13.20 -7.70 2.76
N ILE A 40 14.10 -8.19 1.91
CA ILE A 40 13.73 -8.48 0.53
C ILE A 40 12.92 -9.77 0.52
N ALA A 41 13.48 -10.79 1.14
CA ALA A 41 12.84 -12.10 1.23
C ALA A 41 11.37 -11.95 1.59
N LEU A 42 11.09 -11.07 2.55
CA LEU A 42 9.72 -10.84 2.98
C LEU A 42 8.81 -10.46 1.84
N SER A 43 9.25 -9.54 0.98
CA SER A 43 8.43 -9.11 -0.13
C SER A 43 8.20 -10.27 -1.09
N PHE A 44 9.20 -11.14 -1.23
CA PHE A 44 9.05 -12.27 -2.13
C PHE A 44 8.02 -13.26 -1.59
N ILE A 45 8.10 -13.53 -0.29
CA ILE A 45 7.17 -14.45 0.37
C ILE A 45 5.76 -13.88 0.26
N SER A 46 5.64 -12.58 0.43
CA SER A 46 4.34 -11.93 0.32
C SER A 46 3.75 -12.30 -1.04
N LEU A 47 4.57 -12.21 -2.08
CA LEU A 47 4.07 -12.52 -3.40
C LEU A 47 3.56 -13.95 -3.43
N ILE A 48 4.42 -14.88 -3.04
CA ILE A 48 4.10 -16.31 -3.04
C ILE A 48 2.85 -16.66 -2.24
N ILE A 49 2.79 -16.23 -0.98
CA ILE A 49 1.63 -16.58 -0.18
C ILE A 49 0.35 -15.92 -0.73
N THR A 50 0.47 -14.76 -1.34
CA THR A 50 -0.69 -14.09 -1.89
C THR A 50 -1.26 -14.83 -3.09
N VAL A 51 -0.39 -15.17 -4.02
CA VAL A 51 -0.87 -15.88 -5.19
C VAL A 51 -1.67 -17.10 -4.76
N LEU A 52 -1.09 -17.88 -3.85
CA LEU A 52 -1.77 -19.08 -3.38
C LEU A 52 -3.10 -18.80 -2.68
N LEU A 53 -3.15 -17.84 -1.77
CA LEU A 53 -4.40 -17.55 -1.09
C LEU A 53 -5.44 -16.97 -2.04
N TRP A 54 -4.99 -16.09 -2.92
CA TRP A 54 -5.87 -15.43 -3.86
C TRP A 54 -6.66 -16.42 -4.71
N ILE A 55 -5.94 -17.36 -5.31
CA ILE A 55 -6.56 -18.37 -6.16
C ILE A 55 -7.43 -19.26 -5.29
N PHE A 56 -6.80 -19.81 -4.26
CA PHE A 56 -7.43 -20.71 -3.31
C PHE A 56 -8.81 -20.19 -2.93
N TYR A 57 -8.87 -18.96 -2.42
CA TYR A 57 -10.16 -18.40 -2.03
C TYR A 57 -10.13 -16.89 -1.92
N GLY A 58 -8.94 -16.31 -1.81
CA GLY A 58 -8.83 -14.87 -1.68
C GLY A 58 -9.60 -14.07 -2.71
N TYR A 59 -9.46 -14.46 -3.98
CA TYR A 59 -10.15 -13.76 -5.05
C TYR A 59 -11.66 -13.82 -4.89
N SER A 60 -12.15 -15.00 -4.53
CA SER A 60 -13.58 -15.24 -4.35
C SER A 60 -14.13 -14.37 -3.20
N VAL A 61 -13.52 -14.48 -2.03
CA VAL A 61 -13.95 -13.71 -0.87
C VAL A 61 -13.97 -12.21 -1.15
N SER A 62 -13.26 -11.77 -2.17
CA SER A 62 -13.21 -10.36 -2.52
C SER A 62 -14.25 -9.98 -3.55
N PHE A 63 -14.31 -10.76 -4.64
CA PHE A 63 -15.23 -10.46 -5.72
C PHE A 63 -16.33 -11.47 -5.97
N GLY A 64 -16.47 -12.41 -5.05
CA GLY A 64 -17.51 -13.42 -5.19
C GLY A 64 -18.85 -12.84 -4.78
N ASN A 65 -19.90 -13.64 -4.83
CA ASN A 65 -21.23 -13.18 -4.47
C ASN A 65 -21.26 -12.49 -3.11
N ASP A 66 -21.86 -11.31 -3.09
CA ASP A 66 -21.94 -10.51 -1.87
C ASP A 66 -22.92 -11.00 -0.82
N ILE A 67 -22.53 -10.87 0.43
CA ILE A 67 -23.40 -11.25 1.52
C ILE A 67 -23.39 -10.07 2.47
N SER A 68 -24.57 -9.56 2.79
CA SER A 68 -24.70 -8.43 3.69
C SER A 68 -23.78 -7.29 3.29
N GLY A 69 -23.47 -7.21 2.01
CA GLY A 69 -22.61 -6.16 1.51
C GLY A 69 -21.26 -5.98 2.18
N ILE A 70 -20.78 -6.96 2.94
CA ILE A 70 -19.49 -6.79 3.58
C ILE A 70 -18.45 -7.83 3.17
N ILE A 71 -18.84 -8.80 2.36
CA ILE A 71 -17.88 -9.81 1.92
C ILE A 71 -18.46 -10.66 0.81
N GLY A 72 -17.58 -11.33 0.07
CA GLY A 72 -18.03 -12.16 -1.04
C GLY A 72 -18.08 -13.63 -0.65
N GLY A 73 -18.73 -14.44 -1.47
CA GLY A 73 -18.84 -15.85 -1.19
C GLY A 73 -17.68 -16.69 -1.69
N LEU A 74 -17.89 -17.99 -1.81
CA LEU A 74 -16.85 -18.90 -2.29
C LEU A 74 -17.10 -19.43 -3.69
N ASN A 75 -18.02 -18.80 -4.43
CA ASN A 75 -18.33 -19.26 -5.77
C ASN A 75 -17.13 -19.28 -6.70
N TYR A 76 -16.03 -18.64 -6.28
CA TYR A 76 -14.82 -18.58 -7.07
C TYR A 76 -13.63 -19.28 -6.44
N ALA A 77 -13.87 -20.05 -5.38
CA ALA A 77 -12.79 -20.77 -4.72
C ALA A 77 -12.04 -21.57 -5.78
N LEU A 78 -10.70 -21.56 -5.68
CA LEU A 78 -9.86 -22.24 -6.65
C LEU A 78 -10.27 -21.77 -8.05
N LEU A 79 -10.70 -20.52 -8.11
CA LEU A 79 -11.13 -19.90 -9.35
C LEU A 79 -12.24 -20.65 -10.03
N SER A 80 -12.97 -21.47 -9.27
CA SER A 80 -14.06 -22.20 -9.85
C SER A 80 -14.96 -21.18 -10.54
N GLY A 81 -15.19 -21.37 -11.83
CA GLY A 81 -16.05 -20.46 -12.56
C GLY A 81 -15.47 -19.11 -12.97
N VAL A 82 -14.16 -18.96 -12.99
CA VAL A 82 -13.54 -17.70 -13.39
C VAL A 82 -12.90 -17.90 -14.77
N LYS A 83 -13.36 -17.15 -15.77
CA LYS A 83 -12.81 -17.32 -17.11
C LYS A 83 -12.68 -16.04 -17.93
N GLY A 84 -11.93 -16.15 -19.03
CA GLY A 84 -11.73 -15.03 -19.92
C GLY A 84 -11.32 -13.76 -19.20
N GLU A 85 -12.11 -12.71 -19.39
CA GLU A 85 -11.83 -11.43 -18.76
C GLU A 85 -11.62 -11.53 -17.27
N ASP A 86 -12.50 -12.29 -16.61
CA ASP A 86 -12.42 -12.47 -15.17
C ASP A 86 -11.05 -12.94 -14.74
N LEU A 87 -10.47 -13.87 -15.49
CA LEU A 87 -9.15 -14.39 -15.17
C LEU A 87 -8.12 -13.26 -15.15
N LEU A 88 -8.15 -12.41 -16.17
CA LEU A 88 -7.21 -11.32 -16.24
C LEU A 88 -7.44 -10.40 -15.05
N PHE A 89 -8.70 -10.12 -14.78
CA PHE A 89 -9.06 -9.25 -13.66
C PHE A 89 -8.57 -9.86 -12.37
N MET A 90 -8.84 -11.14 -12.20
CA MET A 90 -8.44 -11.85 -11.00
C MET A 90 -6.94 -11.67 -10.78
N MET A 91 -6.18 -11.79 -11.87
CA MET A 91 -4.73 -11.66 -11.83
C MET A 91 -4.24 -10.28 -11.46
N TYR A 92 -4.74 -9.28 -12.16
CA TYR A 92 -4.37 -7.89 -11.92
C TYR A 92 -4.59 -7.56 -10.45
N GLN A 93 -5.75 -7.96 -9.94
CA GLN A 93 -6.10 -7.72 -8.54
C GLN A 93 -5.24 -8.49 -7.57
N MET A 94 -4.85 -9.69 -7.98
CA MET A 94 -4.01 -10.51 -7.14
C MET A 94 -2.77 -9.71 -6.78
N MET A 95 -2.18 -9.07 -7.79
CA MET A 95 -0.97 -8.26 -7.63
C MET A 95 -1.15 -7.08 -6.69
N PHE A 96 -2.38 -6.55 -6.61
CA PHE A 96 -2.65 -5.43 -5.72
C PHE A 96 -2.55 -5.93 -4.29
N ALA A 97 -3.07 -7.14 -4.05
CA ALA A 97 -3.03 -7.71 -2.72
C ALA A 97 -1.58 -7.91 -2.28
N ALA A 98 -0.79 -8.51 -3.15
CA ALA A 98 0.61 -8.79 -2.87
C ALA A 98 1.38 -7.54 -2.45
N VAL A 99 1.25 -6.48 -3.23
CA VAL A 99 1.93 -5.23 -2.94
C VAL A 99 1.53 -4.72 -1.56
N THR A 100 0.25 -4.86 -1.25
CA THR A 100 -0.24 -4.40 0.04
C THR A 100 0.49 -5.11 1.16
N ILE A 101 0.54 -6.43 1.12
CA ILE A 101 1.25 -7.17 2.15
C ILE A 101 2.71 -6.73 2.23
N ALA A 102 3.32 -6.44 1.08
CA ALA A 102 4.73 -6.02 1.07
C ALA A 102 4.95 -4.69 1.78
N ILE A 103 4.09 -3.72 1.51
CA ILE A 103 4.20 -2.40 2.13
C ILE A 103 4.17 -2.55 3.63
N LEU A 104 3.28 -3.45 4.06
CA LEU A 104 3.05 -3.78 5.46
C LEU A 104 4.31 -4.17 6.21
N THR A 105 5.18 -4.93 5.54
CA THR A 105 6.42 -5.36 6.17
C THR A 105 7.21 -4.20 6.75
N SER A 106 6.74 -2.99 6.54
CA SER A 106 7.40 -1.81 7.08
C SER A 106 7.45 -1.88 8.60
N ALA A 107 6.33 -2.28 9.20
CA ALA A 107 6.19 -2.35 10.65
C ALA A 107 6.96 -3.44 11.39
N ILE A 108 7.42 -4.46 10.67
CA ILE A 108 8.14 -5.57 11.29
C ILE A 108 9.62 -5.61 10.92
N ALA A 109 10.11 -4.53 10.32
CA ALA A 109 11.51 -4.50 9.90
C ALA A 109 12.50 -4.91 10.99
N GLU A 110 13.36 -5.86 10.66
CA GLU A 110 14.42 -6.32 11.53
C GLU A 110 14.10 -7.09 12.82
N ARG A 111 12.88 -7.59 12.98
CA ARG A 111 12.60 -8.31 14.22
C ARG A 111 11.40 -9.26 14.28
N ALA A 112 10.94 -9.76 13.14
CA ALA A 112 9.80 -10.68 13.15
C ALA A 112 10.13 -12.09 12.66
N LYS A 113 9.34 -13.06 13.10
CA LYS A 113 9.54 -14.44 12.67
C LYS A 113 8.82 -14.57 11.34
N VAL A 114 9.52 -15.08 10.33
CA VAL A 114 8.93 -15.27 9.01
C VAL A 114 7.64 -16.05 9.12
N SER A 115 7.68 -17.14 9.89
CA SER A 115 6.50 -17.97 10.09
C SER A 115 5.34 -17.15 10.65
N SER A 116 5.62 -16.31 11.64
CA SER A 116 4.58 -15.48 12.23
C SER A 116 4.07 -14.50 11.19
N PHE A 117 4.98 -14.00 10.37
CA PHE A 117 4.62 -13.06 9.32
C PHE A 117 3.67 -13.71 8.33
N ILE A 118 4.01 -14.92 7.92
CA ILE A 118 3.19 -15.65 6.97
C ILE A 118 1.81 -15.83 7.56
N LEU A 119 1.77 -16.26 8.82
CA LEU A 119 0.52 -16.50 9.52
C LEU A 119 -0.33 -15.24 9.64
N LEU A 120 0.26 -14.19 10.22
CA LEU A 120 -0.43 -12.93 10.39
C LEU A 120 -0.83 -12.37 9.03
N SER A 121 0.07 -12.51 8.07
CA SER A 121 -0.14 -12.02 6.72
C SER A 121 -1.33 -12.71 6.07
N ALA A 122 -1.43 -14.02 6.22
CA ALA A 122 -2.54 -14.75 5.62
C ALA A 122 -3.87 -14.36 6.26
N LEU A 123 -3.85 -14.13 7.58
CA LEU A 123 -5.05 -13.74 8.31
C LEU A 123 -5.51 -12.32 7.97
N TRP A 124 -4.53 -11.44 7.75
CA TRP A 124 -4.82 -10.06 7.41
C TRP A 124 -5.46 -10.01 6.04
N LEU A 125 -4.93 -10.83 5.13
CA LEU A 125 -5.44 -10.91 3.77
C LEU A 125 -6.93 -11.24 3.84
N THR A 126 -7.23 -12.29 4.60
CA THR A 126 -8.58 -12.80 4.80
C THR A 126 -9.57 -11.82 5.45
N PHE A 127 -9.20 -11.30 6.61
CA PHE A 127 -10.08 -10.42 7.36
C PHE A 127 -9.95 -8.92 7.23
N VAL A 128 -9.04 -8.44 6.41
CA VAL A 128 -8.91 -7.00 6.24
C VAL A 128 -8.92 -6.65 4.76
N TYR A 129 -7.98 -7.19 4.00
CA TYR A 129 -7.90 -6.87 2.58
C TYR A 129 -9.10 -7.33 1.77
N ALA A 130 -9.38 -8.63 1.78
CA ALA A 130 -10.51 -9.20 1.05
C ALA A 130 -11.76 -8.37 1.37
N PRO A 131 -12.03 -8.12 2.65
CA PRO A 131 -13.20 -7.31 3.00
C PRO A 131 -13.17 -5.95 2.29
N PHE A 132 -12.10 -5.19 2.51
CA PHE A 132 -11.95 -3.87 1.88
C PHE A 132 -12.14 -3.93 0.37
N ALA A 133 -11.44 -4.84 -0.27
CA ALA A 133 -11.57 -4.99 -1.72
C ALA A 133 -13.05 -5.18 -2.08
N HIS A 134 -13.73 -6.05 -1.34
CA HIS A 134 -15.15 -6.30 -1.61
C HIS A 134 -16.01 -5.05 -1.35
N TRP A 135 -15.84 -4.42 -0.19
CA TRP A 135 -16.61 -3.22 0.17
C TRP A 135 -16.59 -2.17 -0.93
N LEU A 136 -15.39 -1.89 -1.44
CA LEU A 136 -15.22 -0.86 -2.46
C LEU A 136 -15.29 -1.30 -3.90
N TRP A 137 -14.65 -2.43 -4.22
CA TRP A 137 -14.62 -2.90 -5.59
C TRP A 137 -15.46 -4.13 -5.90
N GLY A 138 -15.92 -4.83 -4.87
CA GLY A 138 -16.72 -6.02 -5.09
C GLY A 138 -18.20 -5.83 -4.87
N GLY A 139 -18.67 -4.59 -5.04
CA GLY A 139 -20.07 -4.28 -4.84
C GLY A 139 -20.49 -4.28 -3.39
N GLY A 140 -19.52 -4.07 -2.50
CA GLY A 140 -19.80 -4.05 -1.07
C GLY A 140 -20.61 -2.86 -0.64
N TRP A 141 -20.92 -2.77 0.65
CA TRP A 141 -21.73 -1.68 1.15
C TRP A 141 -21.13 -0.30 0.91
N LEU A 142 -19.82 -0.19 1.00
CA LEU A 142 -19.20 1.11 0.78
C LEU A 142 -19.43 1.59 -0.65
N ALA A 143 -19.39 0.66 -1.61
CA ALA A 143 -19.62 1.04 -2.99
C ALA A 143 -21.05 1.54 -3.08
N LYS A 144 -21.95 0.87 -2.35
CA LYS A 144 -23.36 1.22 -2.33
C LYS A 144 -23.58 2.66 -1.83
N LEU A 145 -22.82 3.06 -0.81
CA LEU A 145 -22.95 4.40 -0.25
C LEU A 145 -22.42 5.40 -1.26
N GLY A 146 -21.91 4.91 -2.38
CA GLY A 146 -21.38 5.79 -3.42
C GLY A 146 -19.92 6.17 -3.23
N ALA A 147 -19.18 5.38 -2.48
CA ALA A 147 -17.77 5.67 -2.25
C ALA A 147 -16.94 5.25 -3.48
N LEU A 148 -15.82 5.92 -3.67
CA LEU A 148 -14.93 5.62 -4.80
C LEU A 148 -13.50 5.48 -4.34
N ASP A 149 -12.73 4.72 -5.10
CA ASP A 149 -11.32 4.52 -4.84
C ASP A 149 -10.77 4.04 -6.16
N PHE A 150 -10.20 4.96 -6.93
CA PHE A 150 -9.71 4.60 -8.24
C PHE A 150 -8.67 3.48 -8.28
N ALA A 151 -7.52 3.69 -7.65
CA ALA A 151 -6.49 2.65 -7.71
C ALA A 151 -6.13 2.04 -6.38
N GLY A 152 -6.84 2.39 -5.31
CA GLY A 152 -6.55 1.78 -4.02
C GLY A 152 -6.07 2.64 -2.87
N GLY A 153 -6.45 3.91 -2.85
CA GLY A 153 -6.03 4.77 -1.77
C GLY A 153 -6.42 4.19 -0.44
N MET A 154 -7.57 3.51 -0.41
CA MET A 154 -8.07 2.90 0.81
C MET A 154 -7.77 1.42 0.83
N VAL A 155 -8.20 0.72 -0.21
CA VAL A 155 -8.00 -0.72 -0.30
C VAL A 155 -6.54 -1.08 -0.08
N VAL A 156 -5.63 -0.27 -0.60
CA VAL A 156 -4.21 -0.57 -0.47
C VAL A 156 -3.38 0.30 0.47
N HIS A 157 -3.47 1.61 0.31
CA HIS A 157 -2.65 2.50 1.13
C HIS A 157 -3.11 2.71 2.55
N ILE A 158 -4.38 3.05 2.73
CA ILE A 158 -4.88 3.24 4.08
C ILE A 158 -4.73 1.93 4.87
N SER A 159 -5.15 0.83 4.26
CA SER A 159 -5.08 -0.48 4.93
C SER A 159 -3.67 -0.84 5.43
N SER A 160 -2.68 -0.80 4.53
CA SER A 160 -1.32 -1.13 4.92
C SER A 160 -0.75 -0.12 5.90
N GLY A 161 -0.98 1.16 5.63
CA GLY A 161 -0.46 2.23 6.48
C GLY A 161 -0.90 2.12 7.92
N PHE A 162 -2.20 1.92 8.13
CA PHE A 162 -2.69 1.81 9.49
C PHE A 162 -2.47 0.43 10.07
N ALA A 163 -2.58 -0.59 9.24
CA ALA A 163 -2.34 -1.94 9.73
C ALA A 163 -0.89 -2.00 10.19
N ALA A 164 -0.01 -1.31 9.47
CA ALA A 164 1.41 -1.28 9.81
C ALA A 164 1.62 -0.57 11.14
N LEU A 165 0.82 0.46 11.42
CA LEU A 165 0.95 1.19 12.65
C LEU A 165 0.58 0.27 13.82
N ALA A 166 -0.54 -0.42 13.68
CA ALA A 166 -0.98 -1.35 14.71
C ALA A 166 0.08 -2.40 14.96
N VAL A 167 0.55 -3.05 13.89
CA VAL A 167 1.56 -4.09 14.03
C VAL A 167 2.81 -3.55 14.69
N ALA A 168 3.23 -2.36 14.29
CA ALA A 168 4.42 -1.74 14.86
C ALA A 168 4.28 -1.65 16.37
N MET A 169 3.10 -1.20 16.81
CA MET A 169 2.84 -1.05 18.23
C MET A 169 2.78 -2.38 18.94
N THR A 170 2.23 -3.39 18.27
CA THR A 170 2.13 -4.69 18.88
C THR A 170 3.48 -5.36 19.03
N ILE A 171 4.28 -5.37 17.96
CA ILE A 171 5.59 -6.02 18.02
C ILE A 171 6.66 -5.30 18.85
N GLY A 172 6.48 -4.02 19.12
CA GLY A 172 7.46 -3.31 19.93
C GLY A 172 8.65 -2.75 19.17
N LYS A 173 9.32 -1.75 19.74
CA LYS A 173 10.48 -1.10 19.13
C LYS A 173 11.64 -2.04 18.92
N ARG A 174 12.50 -1.69 17.98
CA ARG A 174 13.69 -2.48 17.70
C ARG A 174 14.66 -2.18 18.82
N ALA A 175 15.44 -3.17 19.21
CA ALA A 175 16.42 -2.99 20.27
C ALA A 175 17.24 -1.76 19.90
N GLY A 176 17.33 -0.80 20.81
CA GLY A 176 18.11 0.39 20.54
C GLY A 176 17.44 1.44 19.67
N PHE A 177 16.22 1.19 19.23
CA PHE A 177 15.49 2.15 18.40
C PHE A 177 15.67 3.57 18.94
N GLU A 178 15.54 3.68 20.26
CA GLU A 178 15.66 4.95 20.97
C GLU A 178 17.07 5.50 21.16
N GLU A 179 17.92 4.78 21.89
CA GLU A 179 19.27 5.25 22.12
C GLU A 179 19.99 5.63 20.82
N TYR A 180 19.91 4.77 19.83
CA TYR A 180 20.60 5.04 18.57
C TYR A 180 19.70 4.96 17.33
N SER A 181 20.00 5.81 16.35
CA SER A 181 19.23 5.80 15.11
C SER A 181 19.86 4.79 14.16
N ILE A 182 19.04 3.91 13.60
CA ILE A 182 19.52 2.88 12.68
C ILE A 182 19.87 3.50 11.34
N GLU A 183 21.00 3.09 10.78
CA GLU A 183 21.44 3.63 9.50
C GLU A 183 21.16 2.72 8.29
N PRO A 184 20.76 3.31 7.16
CA PRO A 184 20.50 2.50 5.96
C PRO A 184 21.81 1.88 5.49
N HIS A 185 21.80 0.61 5.13
CA HIS A 185 23.03 -0.02 4.69
C HIS A 185 23.32 0.22 3.22
N SER A 186 22.30 0.47 2.42
CA SER A 186 22.53 0.71 1.00
C SER A 186 21.45 1.58 0.40
N ILE A 187 21.69 2.89 0.43
CA ILE A 187 20.73 3.82 -0.12
C ILE A 187 20.51 3.49 -1.61
N PRO A 188 21.60 3.19 -2.34
CA PRO A 188 21.42 2.86 -3.76
C PRO A 188 20.43 1.70 -3.96
N LEU A 189 20.48 0.70 -3.09
CA LEU A 189 19.56 -0.44 -3.21
C LEU A 189 18.14 0.07 -3.06
N THR A 190 17.94 0.97 -2.11
CA THR A 190 16.63 1.56 -1.88
C THR A 190 16.18 2.37 -3.10
N LEU A 191 17.11 3.12 -3.69
CA LEU A 191 16.78 3.93 -4.86
C LEU A 191 16.39 3.05 -6.06
N ILE A 192 16.98 1.86 -6.11
CA ILE A 192 16.63 0.91 -7.16
C ILE A 192 15.20 0.47 -6.90
N GLY A 193 14.85 0.26 -5.63
CA GLY A 193 13.49 -0.14 -5.31
C GLY A 193 12.56 1.02 -5.61
N ALA A 194 13.01 2.24 -5.34
CA ALA A 194 12.17 3.41 -5.59
C ALA A 194 11.88 3.57 -7.09
N ALA A 195 12.89 3.38 -7.92
CA ALA A 195 12.72 3.49 -9.37
C ALA A 195 11.74 2.45 -9.89
N LEU A 196 11.78 1.27 -9.30
CA LEU A 196 10.88 0.19 -9.69
C LEU A 196 9.44 0.48 -9.24
N LEU A 197 9.27 1.22 -8.16
CA LEU A 197 7.94 1.54 -7.68
C LEU A 197 7.30 2.62 -8.56
N TRP A 198 8.08 3.62 -8.96
CA TRP A 198 7.54 4.67 -9.82
C TRP A 198 7.14 4.06 -11.16
N PHE A 199 8.05 3.31 -11.76
CA PHE A 199 7.83 2.64 -13.03
C PHE A 199 6.58 1.72 -13.00
N GLY A 200 6.45 0.92 -11.95
CA GLY A 200 5.32 0.00 -11.85
C GLY A 200 3.98 0.67 -11.60
N TRP A 201 4.02 1.86 -11.00
CA TRP A 201 2.80 2.58 -10.69
C TRP A 201 2.03 2.95 -11.95
N PHE A 202 2.71 2.90 -13.09
CA PHE A 202 2.07 3.18 -14.37
C PHE A 202 0.99 2.13 -14.56
N GLY A 203 1.30 0.90 -14.21
CA GLY A 203 0.34 -0.17 -14.36
C GLY A 203 -0.68 -0.13 -13.24
N PHE A 204 -0.22 0.32 -12.07
CA PHE A 204 -1.08 0.42 -10.89
C PHE A 204 -2.26 1.36 -11.10
N ASN A 205 -1.97 2.65 -11.22
CA ASN A 205 -2.99 3.67 -11.43
C ASN A 205 -3.50 3.62 -12.85
N GLY A 206 -2.58 3.58 -13.81
CA GLY A 206 -2.94 3.55 -15.22
C GLY A 206 -3.68 2.30 -15.65
N GLY A 207 -3.45 1.19 -14.95
CA GLY A 207 -4.11 -0.03 -15.32
C GLY A 207 -5.48 -0.12 -14.66
N SER A 208 -5.70 0.70 -13.65
CA SER A 208 -6.98 0.66 -12.94
C SER A 208 -8.17 1.09 -13.80
N ALA A 209 -7.92 1.64 -14.97
CA ALA A 209 -9.03 2.05 -15.84
C ALA A 209 -9.56 0.80 -16.52
N LEU A 210 -8.78 -0.27 -16.42
CA LEU A 210 -9.11 -1.56 -17.03
C LEU A 210 -9.21 -1.51 -18.54
N ALA A 211 -8.65 -0.45 -19.13
CA ALA A 211 -8.66 -0.27 -20.57
C ALA A 211 -7.64 0.78 -20.98
N ALA A 212 -7.09 0.63 -22.18
CA ALA A 212 -6.12 1.61 -22.68
C ALA A 212 -7.00 2.71 -23.26
N ASN A 213 -7.51 3.56 -22.37
CA ASN A 213 -8.41 4.64 -22.77
C ASN A 213 -7.98 5.98 -22.21
N ASP A 214 -8.90 6.94 -22.27
CA ASP A 214 -8.62 8.28 -21.78
C ASP A 214 -8.48 8.35 -20.26
N VAL A 215 -9.25 7.54 -19.54
CA VAL A 215 -9.16 7.55 -18.08
C VAL A 215 -7.77 7.11 -17.67
N ALA A 216 -7.28 6.03 -18.29
CA ALA A 216 -5.95 5.52 -17.99
C ALA A 216 -4.93 6.62 -18.26
N ILE A 217 -5.05 7.23 -19.43
CA ILE A 217 -4.15 8.31 -19.84
C ILE A 217 -4.16 9.43 -18.80
N ASN A 218 -5.34 9.80 -18.33
CA ASN A 218 -5.43 10.83 -17.32
C ASN A 218 -4.78 10.33 -16.04
N ALA A 219 -5.08 9.10 -15.67
CA ALA A 219 -4.51 8.52 -14.45
C ALA A 219 -2.99 8.62 -14.51
N VAL A 220 -2.42 8.26 -15.66
CA VAL A 220 -0.97 8.31 -15.81
C VAL A 220 -0.43 9.72 -15.68
N VAL A 221 -1.13 10.69 -16.26
CA VAL A 221 -0.69 12.07 -16.19
C VAL A 221 -0.71 12.58 -14.74
N VAL A 222 -1.86 12.47 -14.09
CA VAL A 222 -1.96 12.96 -12.73
C VAL A 222 -1.08 12.19 -11.78
N THR A 223 -0.88 10.91 -12.05
CA THR A 223 -0.05 10.12 -11.17
C THR A 223 1.37 10.67 -11.15
N ASN A 224 1.91 10.98 -12.32
CA ASN A 224 3.25 11.52 -12.41
C ASN A 224 3.31 12.91 -11.80
N THR A 225 2.22 13.65 -11.95
CA THR A 225 2.10 15.00 -11.42
C THR A 225 2.14 15.02 -9.90
N SER A 226 1.19 14.32 -9.28
CA SER A 226 1.16 14.28 -7.83
C SER A 226 2.51 13.83 -7.28
N ALA A 227 3.12 12.84 -7.93
CA ALA A 227 4.42 12.33 -7.50
C ALA A 227 5.53 13.38 -7.54
N ALA A 228 5.62 14.12 -8.64
CA ALA A 228 6.64 15.15 -8.78
C ALA A 228 6.46 16.28 -7.78
N VAL A 229 5.22 16.70 -7.60
CA VAL A 229 4.90 17.77 -6.66
C VAL A 229 5.32 17.39 -5.24
N ALA A 230 4.85 16.23 -4.76
CA ALA A 230 5.17 15.77 -3.41
C ALA A 230 6.67 15.50 -3.23
N GLY A 231 7.35 15.13 -4.31
CA GLY A 231 8.78 14.89 -4.23
C GLY A 231 9.48 16.21 -4.07
N PHE A 232 8.95 17.22 -4.77
CA PHE A 232 9.51 18.56 -4.71
C PHE A 232 9.33 19.14 -3.30
N VAL A 233 8.16 18.91 -2.72
CA VAL A 233 7.87 19.39 -1.38
C VAL A 233 8.89 18.85 -0.39
N TRP A 234 9.08 17.53 -0.36
CA TRP A 234 10.04 16.96 0.57
C TRP A 234 11.44 17.45 0.25
N MET A 235 11.67 17.85 -1.00
CA MET A 235 12.99 18.34 -1.35
C MET A 235 13.17 19.71 -0.72
N VAL A 236 12.14 20.54 -0.77
CA VAL A 236 12.22 21.89 -0.18
C VAL A 236 12.31 21.80 1.34
N ILE A 237 11.50 20.91 1.91
CA ILE A 237 11.50 20.70 3.34
C ILE A 237 12.91 20.29 3.76
N GLY A 238 13.43 19.26 3.11
CA GLY A 238 14.77 18.78 3.42
C GLY A 238 15.78 19.90 3.37
N TRP A 239 15.70 20.71 2.30
CA TRP A 239 16.62 21.83 2.14
C TRP A 239 16.42 22.79 3.30
N ILE A 240 15.17 23.19 3.50
CA ILE A 240 14.82 24.08 4.59
C ILE A 240 15.30 23.56 5.95
N LYS A 241 15.31 22.24 6.12
CA LYS A 241 15.72 21.64 7.38
C LYS A 241 17.18 21.24 7.38
N GLY A 242 17.87 21.56 6.30
CA GLY A 242 19.27 21.21 6.20
C GLY A 242 19.61 20.85 4.78
N LYS A 243 19.79 19.55 4.51
CA LYS A 243 20.13 19.09 3.17
C LYS A 243 19.07 18.17 2.59
N PRO A 244 18.88 18.23 1.27
CA PRO A 244 17.89 17.40 0.59
C PRO A 244 18.36 15.97 0.37
N GLY A 245 18.13 15.10 1.34
CA GLY A 245 18.53 13.72 1.18
C GLY A 245 17.71 13.06 0.08
N SER A 246 18.29 12.04 -0.54
CA SER A 246 17.56 11.32 -1.59
C SER A 246 16.40 10.52 -0.99
N LEU A 247 16.62 10.01 0.22
CA LEU A 247 15.58 9.23 0.88
C LEU A 247 14.34 10.10 1.06
N GLY A 248 14.56 11.35 1.47
CA GLY A 248 13.45 12.25 1.65
C GLY A 248 12.74 12.49 0.33
N ILE A 249 13.51 12.72 -0.72
CA ILE A 249 12.95 12.99 -2.03
C ILE A 249 12.03 11.88 -2.57
N VAL A 250 12.49 10.63 -2.50
CA VAL A 250 11.68 9.51 -2.97
C VAL A 250 10.49 9.21 -2.06
N SER A 251 10.68 9.41 -0.76
CA SER A 251 9.59 9.18 0.18
C SER A 251 8.52 10.25 -0.11
N GLY A 252 8.97 11.41 -0.55
CA GLY A 252 8.03 12.47 -0.88
C GLY A 252 7.22 12.10 -2.10
N ALA A 253 7.90 11.58 -3.12
CA ALA A 253 7.23 11.16 -4.35
C ALA A 253 6.24 10.03 -4.08
N ILE A 254 6.65 9.09 -3.24
CA ILE A 254 5.78 7.98 -2.91
C ILE A 254 4.53 8.47 -2.21
N ALA A 255 4.68 9.46 -1.33
CA ALA A 255 3.52 10.02 -0.64
C ALA A 255 2.56 10.56 -1.72
N GLY A 256 3.12 11.26 -2.70
CA GLY A 256 2.31 11.81 -3.77
C GLY A 256 1.65 10.71 -4.57
N LEU A 257 2.35 9.59 -4.74
CA LEU A 257 1.81 8.48 -5.51
C LEU A 257 0.65 7.80 -4.79
N ALA A 258 0.79 7.62 -3.48
CA ALA A 258 -0.25 6.99 -2.67
C ALA A 258 -1.48 7.89 -2.62
N ALA A 259 -1.27 9.19 -2.43
CA ALA A 259 -2.40 10.13 -2.35
C ALA A 259 -3.18 10.20 -3.65
N ILE A 260 -2.48 10.18 -4.79
CA ILE A 260 -3.15 10.26 -6.09
C ILE A 260 -3.85 8.97 -6.54
N THR A 261 -3.39 7.83 -6.03
CA THR A 261 -3.94 6.53 -6.38
C THR A 261 -5.47 6.41 -6.32
N PRO A 262 -6.09 6.83 -5.20
CA PRO A 262 -7.55 6.73 -5.08
C PRO A 262 -8.28 7.67 -6.02
N ALA A 263 -7.56 8.69 -6.49
CA ALA A 263 -8.14 9.70 -7.36
C ALA A 263 -7.61 9.75 -8.79
N ALA A 264 -6.53 9.01 -9.07
CA ALA A 264 -5.91 9.02 -10.39
C ALA A 264 -6.87 9.17 -11.56
N GLY A 265 -8.00 8.46 -11.54
CA GLY A 265 -8.92 8.54 -12.65
C GLY A 265 -10.11 9.50 -12.59
N PHE A 266 -10.16 10.37 -11.57
CA PHE A 266 -11.29 11.29 -11.45
C PHE A 266 -10.95 12.78 -11.46
N VAL A 267 -9.72 13.13 -11.10
CA VAL A 267 -9.30 14.53 -11.03
C VAL A 267 -8.51 15.04 -12.23
N ASP A 268 -8.38 16.36 -12.32
CA ASP A 268 -7.65 17.00 -13.40
C ASP A 268 -6.23 17.33 -12.91
N VAL A 269 -5.40 17.84 -13.81
CA VAL A 269 -4.02 18.17 -13.47
C VAL A 269 -3.87 19.15 -12.31
N LYS A 270 -4.68 20.20 -12.28
CA LYS A 270 -4.60 21.18 -11.21
C LYS A 270 -4.95 20.53 -9.87
N GLY A 271 -5.89 19.59 -9.89
CA GLY A 271 -6.27 18.90 -8.67
C GLY A 271 -5.13 18.01 -8.23
N ALA A 272 -4.45 17.41 -9.21
CA ALA A 272 -3.32 16.53 -8.94
C ALA A 272 -2.23 17.34 -8.27
N ILE A 273 -2.14 18.61 -8.63
CA ILE A 273 -1.14 19.48 -8.04
C ILE A 273 -1.41 19.74 -6.57
N VAL A 274 -2.66 20.02 -6.21
CA VAL A 274 -2.97 20.26 -4.80
C VAL A 274 -2.89 18.96 -3.99
N ILE A 275 -3.37 17.86 -4.57
CA ILE A 275 -3.32 16.57 -3.90
C ILE A 275 -1.88 16.25 -3.54
N GLY A 276 -0.98 16.47 -4.48
CA GLY A 276 0.43 16.20 -4.22
C GLY A 276 1.05 17.19 -3.26
N LEU A 277 0.74 18.46 -3.44
CA LEU A 277 1.26 19.50 -2.59
C LEU A 277 0.92 19.19 -1.12
N VAL A 278 -0.36 18.95 -0.86
CA VAL A 278 -0.84 18.66 0.48
C VAL A 278 -0.26 17.35 1.03
N ALA A 279 -0.23 16.32 0.20
CA ALA A 279 0.30 15.02 0.59
C ALA A 279 1.74 15.15 1.11
N GLY A 280 2.56 15.91 0.40
CA GLY A 280 3.93 16.08 0.83
C GLY A 280 3.98 16.65 2.23
N ILE A 281 3.13 17.64 2.47
CA ILE A 281 3.08 18.30 3.77
C ILE A 281 2.59 17.39 4.90
N VAL A 282 1.39 16.86 4.74
CA VAL A 282 0.82 16.00 5.76
C VAL A 282 1.65 14.76 6.09
N CYS A 283 2.06 14.02 5.06
CA CYS A 283 2.83 12.82 5.29
C CYS A 283 4.12 13.17 6.02
N TYR A 284 4.72 14.29 5.68
CA TYR A 284 5.95 14.67 6.35
C TYR A 284 5.65 14.95 7.83
N LEU A 285 4.58 15.69 8.08
CA LEU A 285 4.21 16.00 9.45
C LEU A 285 3.89 14.71 10.17
N ALA A 286 3.20 13.81 9.47
CA ALA A 286 2.81 12.51 10.03
C ALA A 286 4.06 11.75 10.42
N MET A 287 5.07 11.78 9.56
CA MET A 287 6.32 11.10 9.84
C MET A 287 6.94 11.67 11.10
N ASP A 288 7.03 12.99 11.18
CA ASP A 288 7.62 13.64 12.35
C ASP A 288 6.84 13.35 13.62
N PHE A 289 5.53 13.28 13.49
CA PHE A 289 4.68 13.01 14.64
C PHE A 289 4.89 11.58 15.13
N ARG A 290 4.85 10.63 14.21
CA ARG A 290 5.06 9.23 14.57
C ARG A 290 6.45 9.10 15.20
N ILE A 291 7.40 9.84 14.68
CA ILE A 291 8.76 9.81 15.21
C ILE A 291 8.76 10.42 16.60
N LYS A 292 8.12 11.58 16.74
CA LYS A 292 8.03 12.27 18.03
C LYS A 292 7.48 11.34 19.10
N LYS A 293 6.42 10.62 18.78
CA LYS A 293 5.81 9.70 19.72
C LYS A 293 6.63 8.44 19.96
N LYS A 294 7.79 8.34 19.31
CA LYS A 294 8.67 7.19 19.48
C LYS A 294 8.12 5.85 19.01
N ILE A 295 7.17 5.88 18.09
CA ILE A 295 6.61 4.63 17.57
C ILE A 295 7.55 4.07 16.51
N ASP A 296 7.90 2.80 16.63
CA ASP A 296 8.79 2.20 15.66
C ASP A 296 8.02 1.56 14.51
N GLU A 297 7.29 2.40 13.77
CA GLU A 297 6.52 1.99 12.59
C GLU A 297 7.58 2.23 11.51
N SER A 298 8.69 1.56 11.75
CA SER A 298 9.91 1.58 10.99
C SER A 298 10.11 2.29 9.66
N LEU A 299 9.52 1.81 8.58
CA LEU A 299 9.75 2.46 7.30
C LEU A 299 8.62 3.35 6.82
N ASP A 300 7.89 3.91 7.78
CA ASP A 300 6.78 4.81 7.55
C ASP A 300 5.74 4.42 6.53
N ALA A 301 5.29 3.18 6.62
CA ALA A 301 4.23 2.71 5.74
C ALA A 301 3.04 3.55 6.17
N TRP A 302 2.94 3.74 7.49
CA TRP A 302 1.84 4.49 8.05
C TRP A 302 1.85 5.95 7.64
N ALA A 303 2.90 6.68 8.05
CA ALA A 303 3.02 8.09 7.75
C ALA A 303 2.87 8.39 6.27
N ILE A 304 3.38 7.49 5.43
CA ILE A 304 3.32 7.71 3.99
C ILE A 304 2.16 7.11 3.24
N HIS A 305 1.91 5.83 3.45
CA HIS A 305 0.79 5.18 2.76
C HIS A 305 -0.51 5.37 3.52
N GLY A 306 -0.44 5.16 4.83
CA GLY A 306 -1.63 5.30 5.64
C GLY A 306 -2.17 6.70 5.46
N ILE A 307 -1.36 7.69 5.82
CA ILE A 307 -1.76 9.08 5.73
C ILE A 307 -1.93 9.56 4.29
N GLY A 308 -1.00 9.18 3.42
CA GLY A 308 -1.12 9.59 2.04
C GLY A 308 -2.38 9.05 1.41
N GLY A 309 -2.74 7.81 1.77
CA GLY A 309 -3.93 7.22 1.19
C GLY A 309 -5.21 7.84 1.73
N LEU A 310 -5.16 8.20 3.00
CA LEU A 310 -6.31 8.81 3.65
C LEU A 310 -6.63 10.14 2.99
N TRP A 311 -5.67 11.05 2.98
CA TRP A 311 -5.86 12.36 2.37
C TRP A 311 -6.37 12.23 0.94
N GLY A 312 -5.70 11.39 0.15
CA GLY A 312 -6.11 11.22 -1.23
C GLY A 312 -7.53 10.72 -1.41
N SER A 313 -7.94 9.78 -0.57
CA SER A 313 -9.28 9.24 -0.68
C SER A 313 -10.30 10.32 -0.38
N VAL A 314 -9.93 11.23 0.52
CA VAL A 314 -10.78 12.34 0.89
C VAL A 314 -10.76 13.40 -0.19
N ALA A 315 -9.56 13.72 -0.65
CA ALA A 315 -9.39 14.71 -1.70
C ALA A 315 -10.26 14.35 -2.90
N VAL A 316 -10.53 13.05 -3.07
CA VAL A 316 -11.37 12.59 -4.18
C VAL A 316 -12.76 13.24 -4.10
N GLY A 317 -13.31 13.28 -2.89
CA GLY A 317 -14.62 13.85 -2.68
C GLY A 317 -14.68 15.35 -2.83
N ILE A 318 -13.51 15.98 -2.85
CA ILE A 318 -13.41 17.43 -2.98
C ILE A 318 -13.13 17.87 -4.42
N LEU A 319 -12.21 17.17 -5.08
CA LEU A 319 -11.78 17.52 -6.43
C LEU A 319 -12.29 16.72 -7.61
N ALA A 320 -12.97 15.61 -7.37
CA ALA A 320 -13.48 14.83 -8.49
C ALA A 320 -14.04 15.79 -9.54
N ASN A 321 -13.53 15.69 -10.76
CA ASN A 321 -13.98 16.56 -11.82
C ASN A 321 -14.83 15.82 -12.84
N PRO A 322 -16.11 16.20 -12.95
CA PRO A 322 -17.07 15.60 -13.88
C PRO A 322 -16.50 15.64 -15.28
N GLU A 323 -15.75 16.70 -15.53
CA GLU A 323 -15.13 16.90 -16.82
C GLU A 323 -14.21 15.70 -17.07
N VAL A 324 -13.44 15.34 -16.05
CA VAL A 324 -12.51 14.24 -16.19
C VAL A 324 -13.18 12.88 -16.36
N ASN A 325 -13.91 12.44 -15.35
CA ASN A 325 -14.50 11.11 -15.44
C ASN A 325 -15.96 11.05 -14.97
N GLY A 326 -16.72 12.10 -15.25
CA GLY A 326 -18.13 12.08 -14.86
C GLY A 326 -18.40 12.48 -13.43
N TYR A 327 -17.64 11.94 -12.47
CA TYR A 327 -17.85 12.28 -11.06
C TYR A 327 -17.42 13.69 -10.69
N ALA A 328 -18.06 14.23 -9.65
CA ALA A 328 -17.76 15.58 -9.16
C ALA A 328 -17.70 15.61 -7.65
N GLY A 329 -16.83 16.47 -7.13
CA GLY A 329 -16.69 16.59 -5.69
C GLY A 329 -17.24 17.93 -5.22
N LEU A 330 -17.07 18.20 -3.93
CA LEU A 330 -17.55 19.43 -3.32
C LEU A 330 -17.26 20.65 -4.19
N LEU A 331 -16.00 20.80 -4.57
CA LEU A 331 -15.57 21.92 -5.39
C LEU A 331 -16.38 22.01 -6.67
N PHE A 332 -16.96 20.89 -7.09
CA PHE A 332 -17.76 20.87 -8.31
C PHE A 332 -19.24 20.70 -8.02
N GLY A 333 -19.70 21.44 -7.02
CA GLY A 333 -21.10 21.42 -6.64
C GLY A 333 -21.68 20.11 -6.16
N ASN A 334 -20.86 19.23 -5.60
CA ASN A 334 -21.38 17.96 -5.13
C ASN A 334 -20.88 17.58 -3.75
N PRO A 335 -21.62 17.97 -2.70
CA PRO A 335 -21.27 17.68 -1.31
C PRO A 335 -21.34 16.19 -0.99
N GLN A 336 -22.26 15.48 -1.62
CA GLN A 336 -22.43 14.05 -1.37
C GLN A 336 -21.17 13.20 -1.50
N LEU A 337 -20.46 13.34 -2.61
CA LEU A 337 -19.24 12.56 -2.83
C LEU A 337 -18.32 12.68 -1.64
N LEU A 338 -18.14 13.89 -1.14
CA LEU A 338 -17.27 14.11 0.00
C LEU A 338 -17.74 13.28 1.20
N VAL A 339 -19.04 13.25 1.43
CA VAL A 339 -19.60 12.50 2.54
C VAL A 339 -19.32 11.01 2.38
N SER A 340 -19.52 10.49 1.18
CA SER A 340 -19.27 9.07 0.92
C SER A 340 -17.80 8.73 1.17
N GLN A 341 -16.92 9.64 0.76
CA GLN A 341 -15.50 9.42 0.95
C GLN A 341 -15.18 9.47 2.45
N LEU A 342 -15.69 10.48 3.14
CA LEU A 342 -15.45 10.61 4.58
C LEU A 342 -15.91 9.36 5.31
N ILE A 343 -17.08 8.88 4.96
CA ILE A 343 -17.60 7.67 5.58
C ILE A 343 -16.63 6.52 5.30
N ALA A 344 -16.33 6.35 4.02
CA ALA A 344 -15.44 5.29 3.55
C ALA A 344 -14.09 5.32 4.26
N VAL A 345 -13.46 6.49 4.28
CA VAL A 345 -12.17 6.66 4.92
C VAL A 345 -12.27 6.38 6.42
N ALA A 346 -13.37 6.83 7.03
CA ALA A 346 -13.58 6.61 8.45
C ALA A 346 -13.62 5.12 8.77
N SER A 347 -14.49 4.41 8.07
CA SER A 347 -14.65 2.97 8.26
C SER A 347 -13.35 2.19 8.01
N THR A 348 -12.76 2.39 6.84
CA THR A 348 -11.54 1.67 6.50
C THR A 348 -10.37 1.95 7.41
N THR A 349 -10.20 3.19 7.84
CA THR A 349 -9.08 3.52 8.74
C THR A 349 -9.26 2.84 10.10
N ALA A 350 -10.47 2.94 10.66
CA ALA A 350 -10.75 2.36 11.96
C ALA A 350 -10.67 0.84 11.94
N TYR A 351 -11.25 0.23 10.91
CA TYR A 351 -11.26 -1.21 10.80
C TYR A 351 -9.82 -1.73 10.70
N ALA A 352 -9.08 -1.21 9.73
CA ALA A 352 -7.69 -1.62 9.50
C ALA A 352 -6.85 -1.54 10.76
N PHE A 353 -7.00 -0.47 11.50
CA PHE A 353 -6.21 -0.33 12.70
C PHE A 353 -6.63 -1.29 13.81
N LEU A 354 -7.92 -1.29 14.14
CA LEU A 354 -8.42 -2.12 15.22
C LEU A 354 -8.40 -3.62 14.96
N VAL A 355 -8.84 -4.03 13.79
CA VAL A 355 -8.85 -5.44 13.47
C VAL A 355 -7.41 -5.95 13.37
N THR A 356 -6.53 -5.16 12.77
CA THR A 356 -5.13 -5.58 12.64
C THR A 356 -4.57 -5.75 14.05
N LEU A 357 -4.91 -4.79 14.91
CA LEU A 357 -4.45 -4.81 16.29
C LEU A 357 -4.85 -6.14 16.93
N ILE A 358 -6.11 -6.51 16.77
CA ILE A 358 -6.61 -7.76 17.32
C ILE A 358 -5.77 -8.91 16.79
N LEU A 359 -5.72 -9.01 15.47
CA LEU A 359 -4.97 -10.05 14.80
C LEU A 359 -3.52 -10.18 15.27
N ALA A 360 -2.84 -9.06 15.41
CA ALA A 360 -1.44 -9.07 15.84
C ALA A 360 -1.32 -9.71 17.21
N LYS A 361 -2.11 -9.20 18.16
CA LYS A 361 -2.09 -9.71 19.53
C LYS A 361 -2.45 -11.19 19.51
N ALA A 362 -3.46 -11.54 18.72
CA ALA A 362 -3.89 -12.94 18.63
C ALA A 362 -2.71 -13.82 18.25
N VAL A 363 -2.08 -13.52 17.14
CA VAL A 363 -0.94 -14.29 16.65
C VAL A 363 0.18 -14.23 17.66
N ASP A 364 0.40 -13.04 18.20
CA ASP A 364 1.46 -12.86 19.17
C ASP A 364 1.25 -13.82 20.33
N ALA A 365 0.01 -13.88 20.82
CA ALA A 365 -0.35 -14.75 21.93
C ALA A 365 -0.28 -16.21 21.52
N ALA A 366 -0.75 -16.49 20.31
CA ALA A 366 -0.76 -17.85 19.82
C ALA A 366 0.63 -18.40 19.47
N VAL A 367 1.49 -17.59 18.86
CA VAL A 367 2.81 -18.08 18.47
C VAL A 367 3.96 -17.13 18.77
N GLY A 368 3.67 -15.85 18.91
CA GLY A 368 4.71 -14.87 19.17
C GLY A 368 5.23 -14.24 17.88
N LEU A 369 5.12 -12.92 17.78
CA LEU A 369 5.56 -12.21 16.57
C LEU A 369 7.05 -11.95 16.45
N ARG A 370 7.64 -11.51 17.55
CA ARG A 370 9.05 -11.14 17.58
C ARG A 370 10.09 -12.26 17.77
N VAL A 371 11.30 -12.05 17.24
CA VAL A 371 12.39 -13.01 17.37
C VAL A 371 13.08 -12.76 18.71
N SER A 372 13.91 -13.70 19.14
CA SER A 372 14.64 -13.55 20.40
C SER A 372 15.52 -12.34 20.25
N SER A 373 15.95 -11.77 21.37
CA SER A 373 16.80 -10.60 21.28
C SER A 373 18.16 -10.93 20.67
N GLN A 374 18.63 -12.16 20.86
CA GLN A 374 19.93 -12.52 20.29
C GLN A 374 19.83 -12.67 18.78
N GLU A 375 18.67 -13.14 18.30
CA GLU A 375 18.48 -13.28 16.87
C GLU A 375 18.45 -11.87 16.28
N GLU A 376 17.76 -10.98 16.99
CA GLU A 376 17.68 -9.60 16.54
C GLU A 376 19.10 -9.05 16.48
N TYR A 377 19.94 -9.53 17.40
CA TYR A 377 21.32 -9.08 17.48
C TYR A 377 22.17 -9.53 16.29
N VAL A 378 22.18 -10.82 16.01
CA VAL A 378 22.98 -11.33 14.90
C VAL A 378 22.34 -11.00 13.56
N GLY A 379 21.07 -10.61 13.59
CA GLY A 379 20.39 -10.28 12.36
C GLY A 379 19.56 -11.43 11.87
N LEU A 380 18.44 -11.12 11.24
CA LEU A 380 17.52 -12.12 10.74
C LEU A 380 17.99 -12.83 9.47
N ASP A 381 18.94 -12.25 8.76
CA ASP A 381 19.43 -12.93 7.57
C ASP A 381 20.00 -14.25 8.06
N LEU A 382 20.86 -14.15 9.06
CA LEU A 382 21.50 -15.32 9.64
C LEU A 382 20.53 -16.19 10.43
N SER A 383 19.81 -15.58 11.36
CA SER A 383 18.89 -16.32 12.22
C SER A 383 17.60 -16.83 11.60
N GLN A 384 17.03 -16.08 10.65
CA GLN A 384 15.78 -16.53 10.04
C GLN A 384 15.95 -17.19 8.68
N HIS A 385 17.09 -16.95 8.03
CA HIS A 385 17.33 -17.51 6.71
C HIS A 385 18.65 -18.25 6.61
N GLU A 386 19.42 -18.23 7.68
CA GLU A 386 20.73 -18.88 7.67
C GLU A 386 21.49 -18.44 6.44
N GLU A 387 21.40 -17.14 6.12
CA GLU A 387 22.11 -16.58 4.98
C GLU A 387 22.87 -15.32 5.36
N VAL A 388 23.73 -14.88 4.45
CA VAL A 388 24.52 -13.67 4.65
C VAL A 388 24.42 -12.84 3.38
N ALA A 389 23.87 -11.64 3.53
CA ALA A 389 23.66 -10.73 2.41
C ALA A 389 24.90 -10.53 1.54
N TYR A 390 25.94 -9.99 2.13
CA TYR A 390 27.15 -9.73 1.38
C TYR A 390 28.39 -10.36 2.00
N THR A 391 29.36 -10.61 1.13
CA THR A 391 30.62 -11.19 1.52
C THR A 391 31.70 -10.39 0.79
XE XE B . 4.03 0.67 -3.14
XE XE C . 6.94 1.24 -0.19
XE XE D . 9.50 6.83 -6.04
XE XE E . 3.22 6.71 -12.81
XE XE F . 2.35 -8.47 8.89
XE XE G . 4.95 -10.74 12.31
XE XE H . -0.53 -13.19 2.16
XE XE I . 1.09 7.93 15.43
XE XE J . 9.96 -11.95 -7.02
XE XE K . -9.81 -6.87 -17.05
XE XE L . -7.22 -14.20 1.12
XE XE M . 1.22 -3.14 -24.09
XE XE N . 6.27 -3.19 -19.91
XE XE O . 12.87 -3.27 -14.45
XE XE P . 16.72 -3.31 -11.26
#